data_7FEH
#
_entry.id   7FEH
#
_cell.length_a   40.390
_cell.length_b   61.700
_cell.length_c   63.110
_cell.angle_alpha   90.000
_cell.angle_beta   106.220
_cell.angle_gamma   90.000
#
_symmetry.space_group_name_H-M   'P 1 21 1'
#
loop_
_entity.id
_entity.type
_entity.pdbx_description
1 polymer 'Epithelial discoidin domain-containing receptor 1'
2 non-polymer N-[(5-chloranyl-2-ethylsulfonyl-phenyl)methyl]-3-piperazin-1-yl-5-(trifluoromethyloxy)benzamide
3 non-polymer 'NITRATE ION'
4 water water
#
_entity_poly.entity_id   1
_entity_poly.type   'polypeptide(L)'
_entity_poly.pdbx_seq_one_letter_code
;GPLHMPGAVGDGPPRVDFPRSRLRFKEKLGEGQFGEVHLCEVDSPQDLVSLDFPLNVRKGHPLLVAVKILRPDATKNARN
DFLKEVKIMSRLKDPNIIRLLGVCVQDDPLCMITDYMENGDLNQFLSAHQLEDKAAEGAPGDPTISYPMLLHVAAQIASG
MRYLATLNFVHRDLATRNCLVGENFTIKIADFGMSRNLYAGDYYRVQGRAVLPIRWMAWECILMGKFTTASDVWAFGVTL
WEVLMLCRAQPFGQLTDEQVIENAGEFFRDQGRQVYLSRPPACPQGLYELMLRCWSRESEQRPPFSQLHRFLAEDALNTV
;
_entity_poly.pdbx_strand_id   A
#
# COMPACT_ATOMS: atom_id res chain seq x y z
N VAL A 16 15.43 -8.10 -21.17
CA VAL A 16 16.84 -8.30 -20.78
C VAL A 16 17.15 -7.59 -19.47
N ASP A 17 18.11 -8.15 -18.74
CA ASP A 17 18.48 -7.69 -17.41
C ASP A 17 19.06 -6.29 -17.40
N PHE A 18 18.70 -5.58 -16.36
CA PHE A 18 19.37 -4.36 -15.93
C PHE A 18 20.83 -4.68 -15.67
N PRO A 19 21.78 -3.78 -16.06
CA PRO A 19 23.20 -3.98 -15.69
C PRO A 19 23.52 -3.85 -14.21
N ARG A 20 23.65 -5.01 -13.52
CA ARG A 20 23.98 -5.04 -12.12
C ARG A 20 25.23 -4.18 -11.77
N SER A 21 26.21 -4.15 -12.67
CA SER A 21 27.43 -3.38 -12.37
C SER A 21 27.16 -1.89 -12.20
N ARG A 22 26.03 -1.38 -12.71
CA ARG A 22 25.69 0.03 -12.49
C ARG A 22 25.06 0.34 -11.16
N LEU A 23 24.70 -0.68 -10.37
CA LEU A 23 24.06 -0.44 -9.09
C LEU A 23 25.13 -0.26 -8.03
N ARG A 24 25.07 0.81 -7.31
CA ARG A 24 26.08 1.14 -6.29
C ARG A 24 25.35 1.25 -4.94
N PHE A 25 25.65 0.31 -3.99
CA PHE A 25 25.10 0.33 -2.64
C PHE A 25 25.33 1.61 -1.88
N LYS A 26 24.26 2.15 -1.31
CA LYS A 26 24.35 3.28 -0.43
C LYS A 26 24.02 2.96 1.03
N GLU A 27 22.87 2.34 1.29
CA GLU A 27 22.50 1.97 2.67
C GLU A 27 21.37 0.96 2.59
N LYS A 28 21.17 0.24 3.71
CA LYS A 28 20.08 -0.74 3.81
C LYS A 28 18.83 0.02 4.19
N LEU A 29 17.74 -0.26 3.44
CA LEU A 29 16.46 0.40 3.69
C LEU A 29 15.56 -0.48 4.54
N GLY A 30 15.82 -1.75 4.54
CA GLY A 30 14.84 -2.66 5.07
C GLY A 30 15.46 -4.03 5.10
N GLU A 31 14.89 -4.84 5.97
CA GLU A 31 15.21 -6.25 6.16
C GLU A 31 14.06 -7.10 5.60
N GLY A 32 14.39 -8.21 4.97
CA GLY A 32 13.37 -9.13 4.48
C GLY A 32 13.56 -10.48 5.18
N GLN A 33 12.56 -11.35 5.07
CA GLN A 33 12.84 -12.71 5.61
C GLN A 33 13.93 -13.42 4.81
N PHE A 34 14.10 -13.01 3.55
CA PHE A 34 14.91 -13.77 2.59
C PHE A 34 15.91 -12.87 1.88
N GLY A 35 16.07 -11.65 2.37
CA GLY A 35 16.97 -10.76 1.66
C GLY A 35 16.76 -9.40 2.23
N GLU A 36 16.92 -8.39 1.38
CA GLU A 36 17.04 -7.05 1.91
C GLU A 36 16.60 -6.17 0.79
N VAL A 37 16.37 -4.95 1.20
CA VAL A 37 16.05 -3.89 0.27
C VAL A 37 17.16 -2.88 0.50
N HIS A 38 17.84 -2.50 -0.61
CA HIS A 38 18.97 -1.59 -0.50
C HIS A 38 18.66 -0.30 -1.23
N LEU A 39 19.09 0.84 -0.68
CA LEU A 39 19.09 2.08 -1.48
C LEU A 39 20.38 2.08 -2.31
N CYS A 40 20.30 2.27 -3.62
CA CYS A 40 21.49 2.21 -4.52
C CYS A 40 21.44 3.47 -5.39
N GLU A 41 22.63 3.94 -5.75
CA GLU A 41 22.78 4.83 -6.90
C GLU A 41 23.04 4.08 -8.19
N VAL A 42 22.60 4.66 -9.32
CA VAL A 42 22.81 4.11 -10.63
C VAL A 42 23.93 4.94 -11.29
N ASP A 43 25.05 4.29 -11.53
CA ASP A 43 26.16 4.99 -12.23
C ASP A 43 25.82 5.33 -13.67
N SER A 44 26.16 6.54 -14.07
CA SER A 44 26.01 7.01 -15.44
C SER A 44 24.63 6.66 -16.02
N PRO A 45 23.54 7.07 -15.34
CA PRO A 45 22.20 6.48 -15.66
C PRO A 45 21.68 6.93 -17.00
N GLN A 46 22.13 8.11 -17.50
CA GLN A 46 21.65 8.52 -18.82
C GLN A 46 21.85 7.41 -19.84
N ASP A 47 22.91 6.60 -19.69
CA ASP A 47 23.19 5.46 -20.60
C ASP A 47 22.05 4.49 -20.64
N LEU A 48 21.41 4.30 -19.49
CA LEU A 48 20.43 3.23 -19.33
C LEU A 48 19.09 3.66 -19.88
N VAL A 49 18.83 4.95 -19.81
CA VAL A 49 17.62 5.57 -20.31
C VAL A 49 17.40 5.30 -21.81
N PHE A 53 15.24 1.28 -20.20
CA PHE A 53 15.02 1.32 -18.74
C PHE A 53 14.52 2.72 -18.36
N PRO A 54 13.25 2.81 -17.85
CA PRO A 54 12.51 4.08 -17.76
C PRO A 54 12.93 4.84 -16.51
N LEU A 55 14.22 5.10 -16.38
CA LEU A 55 14.65 5.80 -15.19
C LEU A 55 14.26 7.26 -15.33
N ASN A 56 14.00 7.89 -14.18
CA ASN A 56 13.59 9.30 -14.08
C ASN A 56 14.83 10.19 -13.79
N VAL A 57 15.59 10.51 -14.85
CA VAL A 57 16.98 10.97 -14.72
C VAL A 57 17.07 12.48 -14.89
N ARG A 58 17.49 13.19 -13.85
CA ARG A 58 17.94 14.58 -14.03
C ARG A 58 19.46 14.54 -14.16
N LYS A 59 19.97 14.74 -15.39
CA LYS A 59 21.40 14.74 -15.67
C LYS A 59 22.18 15.52 -14.60
N GLY A 60 23.27 14.91 -14.10
CA GLY A 60 24.15 15.48 -13.07
C GLY A 60 23.58 15.58 -11.66
N HIS A 61 22.50 14.83 -11.38
CA HIS A 61 21.87 14.71 -10.09
C HIS A 61 21.82 13.22 -9.73
N PRO A 62 22.02 12.80 -8.47
CA PRO A 62 22.03 11.36 -8.14
C PRO A 62 20.74 10.67 -8.52
N LEU A 63 20.83 9.50 -9.15
CA LEU A 63 19.64 8.70 -9.46
C LEU A 63 19.61 7.59 -8.43
N LEU A 64 18.64 7.60 -7.57
CA LEU A 64 18.56 6.67 -6.43
C LEU A 64 17.44 5.68 -6.76
N VAL A 65 17.72 4.41 -6.49
CA VAL A 65 16.64 3.40 -6.70
C VAL A 65 16.64 2.49 -5.50
N ALA A 66 15.48 1.85 -5.28
CA ALA A 66 15.42 0.82 -4.23
C ALA A 66 15.53 -0.54 -4.94
N VAL A 67 16.30 -1.44 -4.33
CA VAL A 67 16.56 -2.68 -4.97
C VAL A 67 16.16 -3.76 -3.96
N LYS A 68 15.23 -4.61 -4.31
CA LYS A 68 14.98 -5.80 -3.48
C LYS A 68 15.86 -6.94 -3.95
N ILE A 69 16.64 -7.46 -2.99
CA ILE A 69 17.72 -8.39 -3.26
C ILE A 69 17.55 -9.67 -2.41
N LEU A 70 17.60 -10.79 -3.10
CA LEU A 70 17.64 -12.17 -2.55
C LEU A 70 19.06 -12.58 -2.18
N ARG A 71 19.26 -13.10 -0.95
CA ARG A 71 20.55 -13.57 -0.38
C ARG A 71 21.19 -14.54 -1.36
N PRO A 72 22.53 -14.58 -1.44
CA PRO A 72 23.14 -15.52 -2.40
C PRO A 72 22.94 -16.97 -2.01
N ASP A 73 22.69 -17.26 -0.75
CA ASP A 73 22.39 -18.62 -0.30
C ASP A 73 20.88 -18.88 -0.24
N ALA A 74 20.10 -18.22 -1.09
CA ALA A 74 18.62 -18.27 -0.96
C ALA A 74 18.07 -19.66 -1.31
N THR A 75 17.07 -20.05 -0.54
CA THR A 75 16.49 -21.39 -0.72
C THR A 75 15.68 -21.45 -1.99
N LYS A 76 15.39 -22.70 -2.42
CA LYS A 76 14.49 -22.86 -3.56
C LYS A 76 13.15 -22.17 -3.32
N ASN A 77 12.55 -22.34 -2.13
CA ASN A 77 11.25 -21.73 -1.85
C ASN A 77 11.35 -20.23 -2.04
N ALA A 78 12.46 -19.64 -1.57
CA ALA A 78 12.57 -18.16 -1.64
C ALA A 78 12.77 -17.66 -3.07
N ARG A 79 13.56 -18.35 -3.88
CA ARG A 79 13.74 -18.00 -5.24
C ARG A 79 12.43 -18.14 -6.05
N ASN A 80 11.64 -19.18 -5.74
CA ASN A 80 10.35 -19.31 -6.42
C ASN A 80 9.48 -18.14 -6.10
N ASP A 81 9.37 -17.77 -4.82
CA ASP A 81 8.49 -16.69 -4.48
C ASP A 81 8.98 -15.40 -5.15
N PHE A 82 10.31 -15.20 -5.21
CA PHE A 82 10.81 -13.96 -5.86
C PHE A 82 10.47 -13.91 -7.31
N LEU A 83 10.64 -15.05 -8.00
CA LEU A 83 10.34 -15.10 -9.44
C LEU A 83 8.86 -14.80 -9.71
N LYS A 84 7.94 -15.32 -8.82
CA LYS A 84 6.55 -14.99 -8.98
C LYS A 84 6.28 -13.51 -8.70
N GLU A 85 6.95 -12.94 -7.67
CA GLU A 85 6.76 -11.52 -7.44
C GLU A 85 7.25 -10.68 -8.66
N VAL A 86 8.36 -11.10 -9.31
CA VAL A 86 8.79 -10.42 -10.58
C VAL A 86 7.64 -10.50 -11.61
N LYS A 87 7.04 -11.67 -11.75
CA LYS A 87 6.05 -11.84 -12.81
C LYS A 87 4.81 -10.95 -12.55
N ILE A 88 4.35 -10.91 -11.28
CA ILE A 88 3.24 -10.05 -10.93
C ILE A 88 3.59 -8.58 -11.11
N MET A 89 4.72 -8.16 -10.52
CA MET A 89 4.98 -6.75 -10.55
C MET A 89 5.29 -6.26 -11.98
N SER A 90 5.75 -7.17 -12.86
N SER A 90 5.73 -7.19 -12.85
CA SER A 90 6.07 -6.73 -14.22
CA SER A 90 6.05 -6.79 -14.22
C SER A 90 4.84 -6.22 -14.96
C SER A 90 4.85 -6.31 -15.01
N ARG A 91 3.62 -6.62 -14.58
CA ARG A 91 2.47 -6.14 -15.26
C ARG A 91 2.03 -4.75 -14.84
N LEU A 92 2.51 -4.25 -13.71
CA LEU A 92 1.85 -3.13 -13.08
C LEU A 92 2.47 -1.83 -13.59
N LYS A 93 1.71 -1.04 -14.41
CA LYS A 93 2.23 0.15 -15.08
C LYS A 93 1.19 1.28 -14.94
N ASP A 94 1.29 2.02 -13.82
CA ASP A 94 0.36 3.08 -13.51
C ASP A 94 1.11 4.09 -12.63
N PRO A 95 0.83 5.41 -12.76
CA PRO A 95 1.56 6.41 -11.96
C PRO A 95 1.41 6.28 -10.45
N ASN A 96 0.36 5.65 -9.95
CA ASN A 96 0.12 5.47 -8.50
C ASN A 96 0.31 4.06 -8.06
N ILE A 97 1.03 3.22 -8.83
CA ILE A 97 1.41 1.86 -8.41
C ILE A 97 2.93 1.74 -8.53
N ILE A 98 3.57 1.06 -7.56
CA ILE A 98 5.02 0.73 -7.69
C ILE A 98 5.31 0.14 -9.08
N ARG A 99 6.42 0.64 -9.66
CA ARG A 99 6.90 0.29 -11.00
C ARG A 99 8.16 -0.59 -10.89
N LEU A 100 8.25 -1.67 -11.69
CA LEU A 100 9.55 -2.35 -11.81
C LEU A 100 10.34 -1.64 -12.89
N LEU A 101 11.46 -1.00 -12.52
CA LEU A 101 12.35 -0.33 -13.45
C LEU A 101 13.22 -1.36 -14.16
N GLY A 102 13.45 -2.50 -13.52
CA GLY A 102 14.22 -3.56 -14.16
C GLY A 102 14.49 -4.68 -13.18
N VAL A 103 15.11 -5.77 -13.71
CA VAL A 103 15.49 -6.88 -12.86
C VAL A 103 16.88 -7.35 -13.29
N CYS A 104 17.50 -8.08 -12.40
CA CYS A 104 18.69 -8.90 -12.65
C CYS A 104 18.34 -10.31 -12.19
N VAL A 105 17.82 -11.12 -13.12
CA VAL A 105 17.41 -12.48 -12.76
C VAL A 105 18.30 -13.58 -13.39
N GLN A 106 19.06 -13.28 -14.36
CA GLN A 106 20.04 -14.24 -14.86
C GLN A 106 21.32 -14.49 -13.95
N ASP A 107 21.57 -14.10 -12.70
CA ASP A 107 22.66 -14.56 -11.86
C ASP A 107 22.37 -14.05 -10.46
N ASP A 108 23.12 -14.50 -9.53
CA ASP A 108 22.81 -14.16 -8.17
C ASP A 108 23.56 -12.91 -7.72
N PRO A 109 23.04 -12.19 -6.71
CA PRO A 109 21.68 -12.36 -6.14
C PRO A 109 20.58 -11.92 -7.18
N LEU A 110 19.40 -12.50 -7.08
CA LEU A 110 18.37 -12.03 -8.00
C LEU A 110 17.95 -10.69 -7.47
N CYS A 111 17.65 -9.76 -8.38
CA CYS A 111 17.39 -8.35 -8.10
C CYS A 111 16.11 -7.90 -8.78
N MET A 112 15.36 -7.05 -8.09
N MET A 112 15.36 -7.05 -8.07
CA MET A 112 14.31 -6.25 -8.73
CA MET A 112 14.28 -6.28 -8.70
C MET A 112 14.54 -4.79 -8.33
C MET A 112 14.49 -4.80 -8.30
N ILE A 113 14.29 -3.88 -9.25
CA ILE A 113 14.70 -2.48 -9.05
C ILE A 113 13.45 -1.61 -9.20
N THR A 114 13.24 -0.70 -8.26
CA THR A 114 12.11 0.24 -8.38
C THR A 114 12.57 1.64 -8.01
N ASP A 115 11.71 2.60 -8.30
CA ASP A 115 12.01 4.01 -7.93
C ASP A 115 12.20 4.20 -6.44
N TYR A 116 13.15 5.04 -6.03
CA TYR A 116 13.26 5.31 -4.58
C TYR A 116 12.24 6.37 -4.21
N MET A 117 11.36 6.04 -3.27
CA MET A 117 10.30 6.95 -2.78
C MET A 117 10.76 7.60 -1.48
N GLU A 118 11.27 8.86 -1.66
CA GLU A 118 12.18 9.37 -0.62
C GLU A 118 11.50 9.74 0.69
N ASN A 119 10.16 9.77 0.73
CA ASN A 119 9.50 10.08 1.98
C ASN A 119 8.95 8.82 2.67
N GLY A 120 9.31 7.62 2.23
CA GLY A 120 9.04 6.47 3.01
C GLY A 120 7.60 6.00 2.85
N ASP A 121 7.12 5.21 3.78
CA ASP A 121 5.73 4.74 3.66
C ASP A 121 4.78 5.83 4.21
N LEU A 122 3.52 5.75 3.81
CA LEU A 122 2.58 6.85 4.03
C LEU A 122 2.19 6.96 5.48
N ASN A 123 2.18 5.80 6.16
CA ASN A 123 1.83 5.80 7.59
C ASN A 123 2.88 6.60 8.36
N GLN A 124 4.16 6.26 8.14
CA GLN A 124 5.24 7.07 8.74
C GLN A 124 5.15 8.54 8.32
N PHE A 125 4.88 8.81 7.05
CA PHE A 125 4.85 10.20 6.58
C PHE A 125 3.75 10.99 7.26
N LEU A 126 2.54 10.48 7.20
CA LEU A 126 1.44 11.27 7.77
C LEU A 126 1.59 11.39 9.28
N SER A 127 2.07 10.32 9.94
CA SER A 127 2.32 10.33 11.39
C SER A 127 3.21 11.52 11.82
N ALA A 128 4.07 11.99 10.90
CA ALA A 128 5.01 13.12 11.19
C ALA A 128 4.34 14.49 10.99
N HIS A 129 3.09 14.55 10.50
CA HIS A 129 2.39 15.80 10.17
C HIS A 129 1.23 16.00 11.12
N GLN A 130 0.76 17.30 11.31
CA GLN A 130 -0.56 17.53 11.87
C GLN A 130 -1.40 18.22 10.81
N LEU A 131 -2.71 18.25 11.06
CA LEU A 131 -3.61 18.98 10.17
C LEU A 131 -3.31 20.49 10.31
N GLU A 132 -3.27 21.19 9.19
CA GLU A 132 -3.07 22.63 9.26
C GLU A 132 -4.13 23.26 10.12
N ASP A 133 -3.72 24.28 10.88
CA ASP A 133 -4.63 25.10 11.70
C ASP A 133 -4.74 26.49 11.04
N LYS A 134 -5.86 26.77 10.41
CA LYS A 134 -6.22 28.14 9.93
C LYS A 134 -5.29 29.30 10.40
N PRO A 143 5.64 19.92 10.79
CA PRO A 143 5.17 19.76 9.39
C PRO A 143 3.62 19.70 9.40
N THR A 144 2.94 20.48 8.57
CA THR A 144 1.50 20.40 8.55
C THR A 144 1.09 20.00 7.15
N ILE A 145 -0.13 19.53 7.06
CA ILE A 145 -0.72 19.17 5.78
C ILE A 145 -2.15 19.67 5.78
N SER A 146 -2.59 20.17 4.64
CA SER A 146 -3.94 20.68 4.53
C SER A 146 -4.97 19.59 4.25
N TYR A 147 -6.26 19.89 4.58
CA TYR A 147 -7.33 18.98 4.21
C TYR A 147 -7.34 18.68 2.73
N PRO A 148 -7.29 19.64 1.81
CA PRO A 148 -7.30 19.23 0.38
C PRO A 148 -6.10 18.32 0.03
N MET A 149 -4.92 18.51 0.63
CA MET A 149 -3.82 17.61 0.28
C MET A 149 -4.06 16.22 0.83
N LEU A 150 -4.77 16.09 1.97
CA LEU A 150 -5.11 14.74 2.45
C LEU A 150 -6.05 14.10 1.43
N LEU A 151 -7.01 14.89 0.88
CA LEU A 151 -7.88 14.32 -0.14
C LEU A 151 -7.11 13.94 -1.36
N HIS A 152 -6.13 14.78 -1.78
CA HIS A 152 -5.32 14.45 -2.95
C HIS A 152 -4.54 13.15 -2.72
N VAL A 153 -3.98 12.96 -1.51
CA VAL A 153 -3.28 11.70 -1.23
C VAL A 153 -4.29 10.53 -1.40
N ALA A 154 -5.49 10.67 -0.81
CA ALA A 154 -6.45 9.57 -0.89
C ALA A 154 -6.91 9.32 -2.29
N ALA A 155 -7.08 10.43 -3.09
CA ALA A 155 -7.47 10.22 -4.48
C ALA A 155 -6.42 9.47 -5.27
N GLN A 156 -5.12 9.73 -4.98
CA GLN A 156 -4.08 8.98 -5.70
C GLN A 156 -4.21 7.51 -5.39
N ILE A 157 -4.49 7.21 -4.12
CA ILE A 157 -4.64 5.79 -3.78
C ILE A 157 -5.83 5.19 -4.53
N ALA A 158 -6.97 5.92 -4.56
CA ALA A 158 -8.10 5.37 -5.30
C ALA A 158 -7.80 5.24 -6.79
N SER A 159 -7.02 6.17 -7.38
CA SER A 159 -6.71 5.94 -8.79
C SER A 159 -5.85 4.73 -9.02
N GLY A 160 -4.83 4.47 -8.14
CA GLY A 160 -4.02 3.24 -8.28
C GLY A 160 -4.87 2.00 -8.11
N MET A 161 -5.87 2.07 -7.15
CA MET A 161 -6.68 0.89 -7.00
C MET A 161 -7.62 0.69 -8.17
N ARG A 162 -8.09 1.80 -8.73
CA ARG A 162 -8.91 1.76 -9.98
C ARG A 162 -8.17 1.00 -11.05
N TYR A 163 -6.88 1.33 -11.23
CA TYR A 163 -6.08 0.61 -12.22
C TYR A 163 -5.97 -0.88 -11.91
N LEU A 164 -5.67 -1.24 -10.63
CA LEU A 164 -5.54 -2.64 -10.28
C LEU A 164 -6.88 -3.37 -10.52
N ALA A 165 -8.02 -2.71 -10.20
CA ALA A 165 -9.33 -3.37 -10.47
C ALA A 165 -9.50 -3.62 -11.98
N THR A 166 -9.03 -2.73 -12.85
CA THR A 166 -9.15 -2.98 -14.31
C THR A 166 -8.38 -4.20 -14.73
N LEU A 167 -7.30 -4.53 -14.04
CA LEU A 167 -6.50 -5.75 -14.26
C LEU A 167 -7.04 -7.00 -13.54
N ASN A 168 -8.19 -6.89 -12.87
CA ASN A 168 -8.71 -7.90 -11.95
C ASN A 168 -7.67 -8.36 -10.95
N PHE A 169 -6.83 -7.39 -10.50
CA PHE A 169 -5.80 -7.66 -9.50
C PHE A 169 -6.40 -7.29 -8.13
N VAL A 170 -6.41 -8.22 -7.18
CA VAL A 170 -6.93 -7.94 -5.81
C VAL A 170 -5.69 -7.77 -4.95
N HIS A 171 -5.58 -6.62 -4.27
CA HIS A 171 -4.38 -6.33 -3.48
C HIS A 171 -4.32 -7.17 -2.20
N ARG A 172 -5.41 -7.26 -1.43
CA ARG A 172 -5.61 -8.09 -0.22
C ARG A 172 -4.94 -7.45 1.00
N ASP A 173 -4.17 -6.40 0.85
CA ASP A 173 -3.51 -5.85 2.07
C ASP A 173 -3.33 -4.32 1.93
N LEU A 174 -4.39 -3.65 1.48
CA LEU A 174 -4.32 -2.20 1.30
C LEU A 174 -4.41 -1.56 2.67
N ALA A 175 -3.48 -0.61 2.91
CA ALA A 175 -3.40 0.14 4.16
C ALA A 175 -2.36 1.18 3.96
N THR A 176 -2.35 2.20 4.88
CA THR A 176 -1.33 3.25 4.62
C THR A 176 0.12 2.74 4.76
N ARG A 177 0.38 1.69 5.57
CA ARG A 177 1.75 1.17 5.71
C ARG A 177 2.23 0.59 4.40
N ASN A 178 1.33 0.24 3.45
CA ASN A 178 1.76 -0.31 2.17
C ASN A 178 1.74 0.73 1.05
N CYS A 179 1.58 1.99 1.37
CA CYS A 179 1.63 3.06 0.36
C CYS A 179 2.94 3.80 0.50
N LEU A 180 3.50 4.29 -0.64
CA LEU A 180 4.80 5.00 -0.55
C LEU A 180 4.66 6.46 -0.93
N VAL A 181 5.50 7.32 -0.38
CA VAL A 181 5.37 8.75 -0.65
C VAL A 181 6.67 9.22 -1.33
N GLY A 182 6.52 9.87 -2.46
CA GLY A 182 7.71 10.44 -3.27
C GLY A 182 7.79 11.94 -3.10
N GLU A 183 8.21 12.63 -4.17
CA GLU A 183 8.25 14.09 -4.18
C GLU A 183 6.87 14.66 -4.43
N ASN A 184 6.64 15.84 -3.93
CA ASN A 184 5.40 16.61 -4.21
C ASN A 184 4.14 15.80 -3.89
N PHE A 185 4.18 15.07 -2.80
CA PHE A 185 3.01 14.33 -2.30
C PHE A 185 2.54 13.25 -3.29
N THR A 186 3.43 12.75 -4.16
CA THR A 186 3.07 11.62 -5.07
C THR A 186 2.98 10.34 -4.20
N ILE A 187 1.95 9.56 -4.45
CA ILE A 187 1.67 8.32 -3.72
C ILE A 187 1.71 7.16 -4.67
N LYS A 188 2.35 6.08 -4.25
CA LYS A 188 2.30 4.83 -4.97
C LYS A 188 1.92 3.65 -4.06
N ILE A 189 1.06 2.79 -4.56
CA ILE A 189 0.66 1.61 -3.76
C ILE A 189 1.71 0.52 -3.98
N ALA A 190 2.07 -0.14 -2.89
CA ALA A 190 3.09 -1.24 -2.94
C ALA A 190 2.63 -2.34 -1.99
N ASP A 191 3.53 -3.29 -1.65
CA ASP A 191 3.12 -4.40 -0.79
C ASP A 191 4.41 -4.93 -0.11
N PHE A 192 4.60 -4.53 1.15
CA PHE A 192 5.83 -4.96 1.86
C PHE A 192 5.73 -6.39 2.31
N GLY A 193 4.60 -7.05 2.16
CA GLY A 193 4.55 -8.50 2.44
C GLY A 193 4.70 -8.86 3.90
N MET A 194 4.16 -8.02 4.79
CA MET A 194 4.04 -8.36 6.22
C MET A 194 5.46 -8.60 6.83
N SER A 195 6.43 -7.81 6.36
CA SER A 195 7.87 -7.98 6.65
C SER A 195 8.40 -7.05 7.72
N ARG A 196 7.49 -6.41 8.52
CA ARG A 196 8.03 -5.33 9.36
C ARG A 196 7.52 -5.36 10.81
N ASN A 197 8.50 -5.33 11.77
CA ASN A 197 8.14 -5.27 13.18
C ASN A 197 7.24 -4.13 13.50
N LEU A 198 7.48 -3.00 12.86
CA LEU A 198 6.74 -1.76 13.16
C LEU A 198 5.25 -2.00 13.05
N TYR A 199 4.84 -2.88 12.16
CA TYR A 199 3.40 -3.05 11.95
C TYR A 199 2.89 -4.42 12.37
N ALA A 200 3.70 -5.13 13.21
CA ALA A 200 3.28 -6.46 13.58
C ALA A 200 1.90 -6.55 14.21
N GLY A 201 1.48 -5.49 14.93
CA GLY A 201 0.19 -5.61 15.56
C GLY A 201 -0.97 -5.35 14.64
N ASP A 202 -0.66 -5.04 13.37
CA ASP A 202 -1.73 -4.89 12.37
C ASP A 202 -2.09 -6.23 11.72
N TYR A 203 -1.51 -7.38 12.21
CA TYR A 203 -1.83 -8.68 11.63
C TYR A 203 -2.23 -9.63 12.75
N TYR A 204 -3.16 -10.48 12.47
CA TYR A 204 -3.61 -11.51 13.40
C TYR A 204 -2.98 -12.83 12.99
N ARG A 205 -2.23 -13.48 13.92
CA ARG A 205 -1.45 -14.65 13.56
C ARG A 205 -1.96 -15.81 14.36
N VAL A 206 -2.32 -16.91 13.66
CA VAL A 206 -2.65 -18.17 14.29
C VAL A 206 -1.76 -19.23 13.64
N GLN A 207 -1.23 -20.15 14.46
CA GLN A 207 -0.37 -21.18 13.90
C GLN A 207 -1.03 -22.00 12.75
N GLY A 208 -0.31 -22.09 11.61
CA GLY A 208 -0.75 -22.88 10.47
C GLY A 208 -1.73 -22.16 9.58
N ARG A 209 -2.08 -20.90 9.91
CA ARG A 209 -3.05 -20.14 9.09
C ARG A 209 -2.33 -18.98 8.44
N ALA A 210 -2.99 -18.50 7.39
CA ALA A 210 -2.54 -17.27 6.79
C ALA A 210 -2.52 -16.12 7.79
N VAL A 211 -1.57 -15.21 7.59
CA VAL A 211 -1.48 -14.01 8.49
C VAL A 211 -2.43 -12.97 7.98
N LEU A 212 -3.29 -12.39 8.86
CA LEU A 212 -4.47 -11.69 8.33
C LEU A 212 -4.49 -10.28 8.90
N PRO A 213 -4.59 -9.24 8.01
CA PRO A 213 -4.79 -7.79 8.54
C PRO A 213 -6.26 -7.56 8.86
N ILE A 214 -6.73 -8.19 9.92
CA ILE A 214 -8.16 -8.22 10.22
C ILE A 214 -8.83 -6.86 10.34
N ARG A 215 -8.09 -5.86 10.87
CA ARG A 215 -8.77 -4.56 11.08
C ARG A 215 -9.01 -3.80 9.77
N TRP A 216 -8.45 -4.28 8.65
CA TRP A 216 -8.74 -3.68 7.34
C TRP A 216 -9.57 -4.63 6.49
N MET A 217 -10.03 -5.77 7.00
CA MET A 217 -10.68 -6.81 6.18
C MET A 217 -12.20 -6.67 6.30
N ALA A 218 -12.85 -6.76 5.14
CA ALA A 218 -14.29 -6.88 5.12
C ALA A 218 -14.78 -8.16 5.82
N TRP A 219 -16.03 -8.11 6.29
CA TRP A 219 -16.53 -9.22 7.13
C TRP A 219 -16.47 -10.53 6.38
N GLU A 220 -16.72 -10.50 5.09
CA GLU A 220 -16.70 -11.78 4.35
C GLU A 220 -15.27 -12.29 4.17
N CYS A 221 -14.23 -11.42 4.24
CA CYS A 221 -12.88 -11.90 4.18
C CYS A 221 -12.56 -12.63 5.47
N ILE A 222 -13.02 -12.05 6.62
CA ILE A 222 -12.68 -12.65 7.91
C ILE A 222 -13.45 -13.99 8.06
N LEU A 223 -14.70 -14.01 7.67
CA LEU A 223 -15.49 -15.26 7.89
C LEU A 223 -15.14 -16.34 6.85
N MET A 224 -14.70 -15.98 5.64
CA MET A 224 -14.76 -16.86 4.43
C MET A 224 -13.45 -16.85 3.63
N GLY A 225 -12.50 -15.97 3.95
CA GLY A 225 -11.38 -15.82 3.03
C GLY A 225 -11.80 -15.28 1.66
N LYS A 226 -13.00 -14.69 1.54
CA LYS A 226 -13.39 -14.21 0.21
C LYS A 226 -12.77 -12.83 -0.04
N PHE A 227 -11.71 -12.76 -0.86
CA PHE A 227 -11.08 -11.48 -1.19
C PHE A 227 -11.35 -11.13 -2.66
N THR A 228 -11.86 -9.93 -2.87
CA THR A 228 -12.41 -9.45 -4.10
C THR A 228 -12.10 -7.97 -4.22
N THR A 229 -12.27 -7.36 -5.43
CA THR A 229 -12.16 -5.93 -5.51
C THR A 229 -13.11 -5.21 -4.50
N ALA A 230 -14.28 -5.81 -4.23
CA ALA A 230 -15.21 -5.24 -3.21
C ALA A 230 -14.63 -5.30 -1.81
N SER A 231 -13.80 -6.34 -1.51
CA SER A 231 -13.13 -6.24 -0.22
C SER A 231 -11.94 -5.30 -0.27
N ASP A 232 -11.31 -5.10 -1.46
CA ASP A 232 -10.30 -4.01 -1.51
C ASP A 232 -10.97 -2.63 -1.34
N VAL A 233 -12.25 -2.46 -1.74
CA VAL A 233 -12.94 -1.18 -1.47
C VAL A 233 -13.16 -1.00 0.02
N TRP A 234 -13.52 -2.06 0.74
CA TRP A 234 -13.65 -1.93 2.18
C TRP A 234 -12.33 -1.55 2.79
N ALA A 235 -11.24 -2.20 2.35
CA ALA A 235 -9.95 -1.81 2.95
C ALA A 235 -9.56 -0.38 2.58
N PHE A 236 -9.95 0.06 1.34
CA PHE A 236 -9.69 1.47 0.99
C PHE A 236 -10.46 2.41 1.92
N GLY A 237 -11.69 2.01 2.29
CA GLY A 237 -12.44 2.83 3.29
C GLY A 237 -11.65 2.97 4.56
N VAL A 238 -11.10 1.86 5.04
CA VAL A 238 -10.27 1.92 6.27
C VAL A 238 -8.97 2.73 6.03
N THR A 239 -8.37 2.64 4.84
CA THR A 239 -7.16 3.39 4.54
C THR A 239 -7.47 4.87 4.48
N LEU A 240 -8.62 5.23 3.89
CA LEU A 240 -9.09 6.62 3.89
C LEU A 240 -9.32 7.12 5.32
N TRP A 241 -9.92 6.25 6.20
CA TRP A 241 -10.04 6.61 7.61
C TRP A 241 -8.67 6.90 8.19
N GLU A 242 -7.68 6.01 7.92
CA GLU A 242 -6.34 6.24 8.46
C GLU A 242 -5.81 7.61 8.01
N VAL A 243 -5.99 7.92 6.71
CA VAL A 243 -5.48 9.20 6.19
C VAL A 243 -6.10 10.37 6.89
N LEU A 244 -7.42 10.30 7.11
CA LEU A 244 -8.10 11.40 7.80
C LEU A 244 -7.85 11.42 9.30
N MET A 245 -7.35 10.36 9.90
CA MET A 245 -6.78 10.32 11.24
C MET A 245 -5.31 10.73 11.31
N LEU A 246 -4.69 11.06 10.16
CA LEU A 246 -3.26 11.32 10.03
C LEU A 246 -2.47 10.18 10.65
N CYS A 247 -3.08 8.95 10.57
CA CYS A 247 -2.35 7.75 10.98
C CYS A 247 -2.08 7.80 12.47
N ARG A 248 -2.95 8.44 13.18
CA ARG A 248 -2.68 8.55 14.65
C ARG A 248 -3.27 7.39 15.40
N ALA A 249 -3.96 6.43 14.75
CA ALA A 249 -4.66 5.46 15.57
C ALA A 249 -4.86 4.18 14.75
N GLN A 250 -4.74 3.00 15.39
CA GLN A 250 -5.05 1.79 14.61
C GLN A 250 -6.58 1.66 14.47
N PRO A 251 -7.11 1.24 13.30
CA PRO A 251 -8.53 0.98 13.17
C PRO A 251 -8.99 0.05 14.29
N PHE A 252 -10.09 0.43 14.92
CA PHE A 252 -10.72 -0.35 16.03
C PHE A 252 -9.76 -0.51 17.17
N GLY A 253 -8.81 0.43 17.31
CA GLY A 253 -7.63 0.23 18.18
C GLY A 253 -8.04 0.00 19.64
N GLN A 254 -9.25 0.37 20.07
CA GLN A 254 -9.66 0.07 21.44
C GLN A 254 -10.26 -1.31 21.61
N LEU A 255 -10.47 -2.06 20.49
CA LEU A 255 -11.05 -3.37 20.52
C LEU A 255 -9.96 -4.44 20.35
N THR A 256 -10.13 -5.57 21.03
CA THR A 256 -9.15 -6.66 20.82
C THR A 256 -9.30 -7.27 19.45
N ASP A 257 -8.30 -8.11 19.11
CA ASP A 257 -8.45 -8.82 17.84
C ASP A 257 -9.67 -9.72 17.84
N GLU A 258 -9.93 -10.41 19.01
CA GLU A 258 -11.08 -11.24 19.07
C GLU A 258 -12.35 -10.45 18.91
N GLN A 259 -12.43 -9.19 19.43
CA GLN A 259 -13.63 -8.40 19.21
C GLN A 259 -13.80 -7.95 17.78
N VAL A 260 -12.67 -7.70 17.09
CA VAL A 260 -12.74 -7.34 15.68
C VAL A 260 -13.32 -8.52 14.88
N ILE A 261 -12.92 -9.75 15.22
CA ILE A 261 -13.45 -10.94 14.55
C ILE A 261 -14.90 -11.15 14.89
N GLU A 262 -15.24 -10.94 16.15
CA GLU A 262 -16.64 -11.04 16.52
C GLU A 262 -17.50 -10.01 15.82
N ASN A 263 -16.91 -8.82 15.54
CA ASN A 263 -17.71 -7.83 14.82
C ASN A 263 -17.97 -8.28 13.39
N ALA A 264 -16.99 -8.96 12.73
CA ALA A 264 -17.28 -9.49 11.39
C ALA A 264 -18.50 -10.40 11.46
N GLY A 265 -18.55 -11.23 12.51
CA GLY A 265 -19.72 -12.06 12.75
C GLY A 265 -21.01 -11.31 12.89
N GLU A 266 -20.98 -10.15 13.57
CA GLU A 266 -22.18 -9.35 13.66
C GLU A 266 -22.56 -8.73 12.33
N PHE A 267 -21.60 -8.51 11.39
CA PHE A 267 -22.02 -8.07 10.08
C PHE A 267 -22.79 -9.18 9.38
N PHE A 268 -22.31 -10.41 9.47
CA PHE A 268 -23.06 -11.51 8.82
C PHE A 268 -24.45 -11.67 9.46
N ARG A 269 -24.49 -11.64 10.80
CA ARG A 269 -25.76 -11.92 11.49
C ARG A 269 -26.80 -10.88 11.14
N ASP A 270 -26.39 -9.59 11.02
CA ASP A 270 -27.23 -8.51 10.49
C ASP A 270 -28.41 -8.23 11.38
N GLN A 271 -28.14 -8.18 12.70
CA GLN A 271 -29.13 -7.96 13.77
C GLN A 271 -28.97 -6.52 14.28
N GLY A 272 -28.13 -5.71 13.61
CA GLY A 272 -27.91 -4.29 13.97
C GLY A 272 -26.90 -4.07 15.11
N ARG A 273 -26.02 -5.03 15.40
CA ARG A 273 -25.08 -4.94 16.47
C ARG A 273 -23.68 -4.76 15.91
N GLN A 274 -23.56 -4.71 14.60
CA GLN A 274 -22.18 -4.50 14.09
C GLN A 274 -21.74 -3.05 14.40
N VAL A 275 -20.38 -2.84 14.47
CA VAL A 275 -19.91 -1.48 14.74
C VAL A 275 -18.89 -1.07 13.69
N TYR A 276 -18.72 0.23 13.58
CA TYR A 276 -17.90 0.87 12.51
C TYR A 276 -16.84 1.77 13.13
N LEU A 277 -15.80 2.06 12.34
CA LEU A 277 -14.87 3.11 12.72
C LEU A 277 -15.63 4.41 12.86
N SER A 278 -15.20 5.23 13.84
CA SER A 278 -15.86 6.50 14.10
C SER A 278 -15.35 7.59 13.16
N ARG A 279 -16.07 8.69 13.12
CA ARG A 279 -15.66 9.77 12.20
C ARG A 279 -14.42 10.45 12.70
N PRO A 280 -13.35 10.56 11.89
CA PRO A 280 -12.12 11.27 12.38
C PRO A 280 -12.39 12.73 12.60
N PRO A 281 -11.68 13.37 13.52
CA PRO A 281 -11.82 14.81 13.74
C PRO A 281 -11.72 15.64 12.49
N ALA A 282 -10.82 15.28 11.59
CA ALA A 282 -10.62 16.05 10.34
C ALA A 282 -11.69 15.78 9.30
N CYS A 283 -12.61 14.84 9.51
CA CYS A 283 -13.40 14.35 8.43
C CYS A 283 -14.81 14.96 8.48
N PRO A 284 -15.26 15.67 7.45
CA PRO A 284 -16.67 16.12 7.43
C PRO A 284 -17.62 14.94 7.32
N GLN A 285 -18.90 15.17 7.69
CA GLN A 285 -19.87 14.09 7.58
C GLN A 285 -20.03 13.52 6.16
N GLY A 286 -20.02 14.36 5.10
CA GLY A 286 -20.20 13.85 3.78
C GLY A 286 -19.15 12.82 3.41
N LEU A 287 -17.93 13.11 3.80
CA LEU A 287 -16.81 12.21 3.46
C LEU A 287 -16.95 10.96 4.33
N TYR A 288 -17.33 11.13 5.62
CA TYR A 288 -17.61 9.97 6.44
C TYR A 288 -18.66 9.05 5.81
N GLU A 289 -19.73 9.62 5.19
CA GLU A 289 -20.74 8.78 4.60
C GLU A 289 -20.11 7.98 3.45
N LEU A 290 -19.12 8.54 2.73
CA LEU A 290 -18.39 7.81 1.69
C LEU A 290 -17.69 6.58 2.28
N MET A 291 -16.98 6.78 3.39
CA MET A 291 -16.38 5.66 4.11
C MET A 291 -17.43 4.61 4.47
N LEU A 292 -18.58 5.05 4.99
CA LEU A 292 -19.59 4.08 5.40
C LEU A 292 -20.07 3.24 4.22
N ARG A 293 -20.14 3.84 3.02
CA ARG A 293 -20.55 3.07 1.86
C ARG A 293 -19.54 2.00 1.50
N CYS A 294 -18.25 2.29 1.69
CA CYS A 294 -17.22 1.28 1.49
C CYS A 294 -17.33 0.08 2.43
N TRP A 295 -18.06 0.27 3.57
CA TRP A 295 -18.26 -0.77 4.59
C TRP A 295 -19.72 -1.28 4.56
N SER A 296 -20.35 -1.17 3.40
CA SER A 296 -21.64 -1.83 3.16
C SER A 296 -21.53 -3.35 3.36
N ARG A 297 -22.54 -3.92 4.07
CA ARG A 297 -22.54 -5.35 4.26
C ARG A 297 -22.54 -6.09 2.93
N GLU A 298 -23.38 -5.66 1.99
CA GLU A 298 -23.38 -6.31 0.65
C GLU A 298 -22.27 -5.75 -0.20
N SER A 299 -21.44 -6.64 -0.68
CA SER A 299 -20.30 -6.21 -1.44
C SER A 299 -20.70 -5.45 -2.69
N GLU A 300 -21.86 -5.79 -3.29
CA GLU A 300 -22.26 -5.01 -4.47
C GLU A 300 -22.73 -3.59 -4.21
N GLN A 301 -23.05 -3.15 -2.95
CA GLN A 301 -23.41 -1.76 -2.56
C GLN A 301 -22.19 -0.91 -2.35
N ARG A 302 -20.95 -1.55 -2.28
CA ARG A 302 -19.79 -0.70 -2.08
C ARG A 302 -19.40 0.01 -3.37
N PRO A 303 -18.99 1.27 -3.29
CA PRO A 303 -18.74 2.04 -4.53
C PRO A 303 -17.56 1.46 -5.28
N PRO A 304 -17.56 1.53 -6.60
CA PRO A 304 -16.33 1.27 -7.33
C PRO A 304 -15.26 2.31 -7.21
N PHE A 305 -14.02 1.84 -7.35
CA PHE A 305 -12.92 2.78 -7.26
C PHE A 305 -13.02 3.93 -8.25
N SER A 306 -13.64 3.75 -9.48
CA SER A 306 -13.78 4.91 -10.33
C SER A 306 -14.62 5.98 -9.72
N GLN A 307 -15.68 5.63 -8.89
CA GLN A 307 -16.52 6.64 -8.23
C GLN A 307 -15.79 7.20 -7.03
N LEU A 308 -15.09 6.31 -6.29
CA LEU A 308 -14.30 6.85 -5.14
C LEU A 308 -13.28 7.85 -5.59
N HIS A 309 -12.59 7.54 -6.67
CA HIS A 309 -11.59 8.48 -7.16
C HIS A 309 -12.26 9.81 -7.52
N ARG A 310 -13.36 9.70 -8.28
CA ARG A 310 -14.02 10.94 -8.71
C ARG A 310 -14.42 11.83 -7.55
N PHE A 311 -15.03 11.21 -6.53
CA PHE A 311 -15.48 11.97 -5.40
C PHE A 311 -14.32 12.66 -4.76
N LEU A 312 -13.21 11.88 -4.48
CA LEU A 312 -12.12 12.50 -3.73
C LEU A 312 -11.39 13.52 -4.56
N ALA A 313 -11.21 13.27 -5.84
CA ALA A 313 -10.50 14.25 -6.68
C ALA A 313 -11.30 15.56 -6.83
N GLU A 314 -12.63 15.43 -6.92
CA GLU A 314 -13.46 16.61 -7.07
C GLU A 314 -13.30 17.39 -5.83
N ASP A 315 -13.32 16.70 -4.68
CA ASP A 315 -13.26 17.43 -3.45
C ASP A 315 -11.84 17.99 -3.27
N ALA A 316 -10.83 17.27 -3.79
CA ALA A 316 -9.45 17.75 -3.69
C ALA A 316 -9.29 19.05 -4.48
N LEU A 317 -10.02 19.15 -5.61
CA LEU A 317 -9.85 20.19 -6.63
C LEU A 317 -10.61 21.41 -6.19
N ASN A 318 -11.69 21.19 -5.47
CA ASN A 318 -12.65 22.24 -5.20
C ASN A 318 -12.60 22.79 -3.80
N THR A 319 -11.99 22.07 -2.84
CA THR A 319 -11.72 22.59 -1.49
C THR A 319 -10.25 23.14 -1.52
#